data_5X5M
#
_entry.id   5X5M
#
_cell.length_a   119.630
_cell.length_b   49.295
_cell.length_c   80.361
_cell.angle_alpha   90.00
_cell.angle_beta   124.98
_cell.angle_gamma   90.00
#
_symmetry.space_group_name_H-M   'C 1 2 1'
#
loop_
_entity.id
_entity.type
_entity.pdbx_description
1 polymer 'Lin2189 protein'
2 non-polymer 'DIMETHYL SULFOXIDE'
3 non-polymer (+)-Yatakemycin
4 water water
#
_entity_poly.entity_id   1
_entity_poly.type   'polypeptide(L)'
_entity_poly.pdbx_seq_one_letter_code
;MGSHHHHHHTEKKIDFKKEEKKFYAPKRKPERIFVPEMNFLMVDGKGDPDGEEYQKAVQSLYAIAYTIKMSKMGETRLDG
YSDFVVPPLEGFWWSEGKFDLKDRDAWLWTSILRQPDFVTEEVLEWAKEVARKKKPDVDTSRVKLVRFEEGECVQMMHVG
PFSEAVHTVAEMHQFMETEGLRNDTGAIRKHHLIYLSDPRKANPEKMKTILRLPVS
;
_entity_poly.pdbx_strand_id   A,B
#
loop_
_chem_comp.id
_chem_comp.type
_chem_comp.name
_chem_comp.formula
7YU non-polymer (+)-Yatakemycin 'C35 H29 N5 O8 S'
DMS non-polymer 'DIMETHYL SULFOXIDE' 'C2 H6 O S'
#
# COMPACT_ATOMS: atom_id res chain seq x y z
N LYS A 12 41.41 1.73 -9.76
CA LYS A 12 40.54 0.68 -10.26
C LYS A 12 39.23 0.61 -9.51
N LYS A 13 38.85 1.69 -8.83
CA LYS A 13 37.53 1.78 -8.22
C LYS A 13 36.55 2.41 -9.20
N ILE A 14 35.47 1.70 -9.50
CA ILE A 14 34.45 2.20 -10.41
C ILE A 14 33.67 3.32 -9.73
N ASP A 15 33.48 4.43 -10.43
CA ASP A 15 32.59 5.49 -9.94
C ASP A 15 31.70 5.84 -11.11
N PHE A 16 30.47 5.31 -11.11
CA PHE A 16 29.58 5.49 -12.25
C PHE A 16 29.30 6.96 -12.52
N LYS A 17 29.26 7.78 -11.46
CA LYS A 17 28.97 9.20 -11.60
C LYS A 17 30.05 9.94 -12.37
N LYS A 18 31.29 9.48 -12.29
CA LYS A 18 32.39 10.12 -13.01
C LYS A 18 32.59 9.53 -14.40
N GLU A 19 32.58 8.21 -14.50
CA GLU A 19 32.93 7.55 -15.74
C GLU A 19 31.79 7.59 -16.74
N GLU A 20 30.57 7.76 -16.26
CA GLU A 20 29.38 7.79 -17.10
C GLU A 20 28.51 8.95 -16.64
N LYS A 21 29.13 10.13 -16.54
CA LYS A 21 28.50 11.28 -15.90
C LYS A 21 27.20 11.70 -16.58
N LYS A 22 27.10 11.49 -17.90
CA LYS A 22 25.92 11.92 -18.63
C LYS A 22 24.64 11.33 -18.06
N PHE A 23 24.71 10.15 -17.47
CA PHE A 23 23.54 9.52 -16.88
C PHE A 23 23.21 10.07 -15.50
N TYR A 24 24.12 10.84 -14.91
CA TYR A 24 23.92 11.29 -13.54
C TYR A 24 23.93 12.79 -13.37
N ALA A 25 24.14 13.56 -14.44
CA ALA A 25 24.26 15.01 -14.32
C ALA A 25 23.67 15.76 -15.50
N PRO A 26 22.40 15.53 -15.83
CA PRO A 26 21.74 16.38 -16.82
C PRO A 26 21.60 17.79 -16.29
N LYS A 27 21.39 18.72 -17.22
CA LYS A 27 21.10 20.08 -16.82
C LYS A 27 19.61 20.22 -16.53
N ARG A 28 19.22 21.43 -16.13
CA ARG A 28 17.83 21.75 -15.87
C ARG A 28 17.08 22.10 -17.15
N LYS A 29 17.19 21.24 -18.15
CA LYS A 29 16.48 21.36 -19.41
C LYS A 29 16.38 19.95 -19.98
N PRO A 30 15.36 19.65 -20.76
CA PRO A 30 15.21 18.29 -21.28
C PRO A 30 16.28 17.97 -22.30
N GLU A 31 16.73 16.71 -22.28
CA GLU A 31 17.69 16.23 -23.27
C GLU A 31 17.34 14.78 -23.60
N ARG A 32 17.63 14.39 -24.83
CA ARG A 32 17.61 12.98 -25.17
C ARG A 32 18.82 12.28 -24.56
N ILE A 33 18.62 11.04 -24.15
CA ILE A 33 19.71 10.22 -23.66
C ILE A 33 19.41 8.77 -24.02
N PHE A 34 20.45 8.04 -24.46
CA PHE A 34 20.36 6.60 -24.64
C PHE A 34 21.06 5.95 -23.47
N VAL A 35 20.32 5.11 -22.73
CA VAL A 35 20.83 4.49 -21.52
C VAL A 35 21.17 3.03 -21.85
N PRO A 36 22.44 2.65 -21.82
CA PRO A 36 22.83 1.28 -22.20
C PRO A 36 22.49 0.28 -21.09
N GLU A 37 22.75 -0.98 -21.39
CA GLU A 37 22.54 -2.06 -20.43
C GLU A 37 23.30 -1.81 -19.14
N MET A 38 22.61 -1.98 -18.02
CA MET A 38 23.19 -1.84 -16.71
C MET A 38 22.64 -2.96 -15.83
N ASN A 39 23.36 -3.20 -14.74
CA ASN A 39 23.07 -4.26 -13.78
C ASN A 39 22.57 -3.60 -12.50
N PHE A 40 21.49 -4.13 -11.90
CA PHE A 40 20.88 -3.47 -10.75
C PHE A 40 20.44 -4.46 -9.67
N LEU A 41 20.61 -4.05 -8.42
CA LEU A 41 19.79 -4.59 -7.33
C LEU A 41 18.45 -3.88 -7.36
N MET A 42 17.36 -4.64 -7.17
CA MET A 42 16.02 -4.07 -7.22
C MET A 42 15.13 -4.68 -6.16
N VAL A 43 14.20 -3.87 -5.65
CA VAL A 43 13.13 -4.32 -4.76
C VAL A 43 11.83 -3.69 -5.25
N ASP A 44 10.86 -4.54 -5.61
CA ASP A 44 9.52 -4.04 -5.92
C ASP A 44 8.75 -3.77 -4.64
N GLY A 45 7.87 -2.79 -4.69
CA GLY A 45 7.02 -2.53 -3.54
C GLY A 45 5.82 -1.69 -3.92
N LYS A 46 5.05 -1.39 -2.90
CA LYS A 46 3.82 -0.63 -3.05
C LYS A 46 3.71 0.32 -1.87
N GLY A 47 3.20 1.51 -2.13
CA GLY A 47 2.76 2.39 -1.08
C GLY A 47 3.58 3.65 -0.95
N ASP A 48 3.30 4.36 0.15
CA ASP A 48 3.82 5.71 0.37
C ASP A 48 5.31 5.64 0.71
N PRO A 49 6.14 6.50 0.12
CA PRO A 49 7.57 6.50 0.45
C PRO A 49 7.85 6.81 1.91
N ASP A 50 6.93 7.49 2.60
CA ASP A 50 7.14 7.72 4.03
C ASP A 50 6.90 6.48 4.86
N GLY A 51 6.34 5.43 4.27
CA GLY A 51 6.01 4.22 4.99
C GLY A 51 7.17 3.26 5.20
N GLU A 52 6.94 2.31 6.10
CA GLU A 52 7.97 1.36 6.50
C GLU A 52 8.39 0.46 5.34
N GLU A 53 7.46 0.10 4.45
CA GLU A 53 7.83 -0.79 3.35
C GLU A 53 8.89 -0.16 2.45
N TYR A 54 8.70 1.10 2.06
CA TYR A 54 9.69 1.76 1.21
C TYR A 54 11.01 1.95 1.96
N GLN A 55 10.94 2.37 3.23
CA GLN A 55 12.17 2.54 3.98
C GLN A 55 12.94 1.24 4.10
N LYS A 56 12.23 0.13 4.32
CA LYS A 56 12.89 -1.17 4.40
C LYS A 56 13.48 -1.59 3.07
N ALA A 57 12.80 -1.29 1.96
CA ALA A 57 13.34 -1.61 0.65
C ALA A 57 14.68 -0.94 0.44
N VAL A 58 14.75 0.36 0.74
CA VAL A 58 16.00 1.10 0.55
C VAL A 58 17.07 0.55 1.47
N GLN A 59 16.73 0.28 2.73
CA GLN A 59 17.71 -0.28 3.66
C GLN A 59 18.26 -1.60 3.16
N SER A 60 17.40 -2.44 2.58
CA SER A 60 17.87 -3.74 2.12
C SER A 60 18.83 -3.61 0.93
N LEU A 61 18.55 -2.67 0.02
CA LEU A 61 19.44 -2.47 -1.12
C LEU A 61 20.83 -2.06 -0.63
N TYR A 62 20.88 -1.08 0.27
CA TYR A 62 22.18 -0.60 0.74
C TYR A 62 22.90 -1.67 1.55
N ALA A 63 22.17 -2.47 2.33
CA ALA A 63 22.82 -3.54 3.06
C ALA A 63 23.54 -4.49 2.11
N ILE A 64 22.88 -4.88 1.02
CA ILE A 64 23.50 -5.77 0.05
C ILE A 64 24.65 -5.08 -0.67
N ALA A 65 24.43 -3.86 -1.16
CA ALA A 65 25.47 -3.18 -1.94
C ALA A 65 26.75 -3.03 -1.12
N TYR A 66 26.64 -2.58 0.13
CA TYR A 66 27.82 -2.41 0.95
C TYR A 66 28.43 -3.74 1.37
N THR A 67 27.61 -4.79 1.55
CA THR A 67 28.19 -6.11 1.80
C THR A 67 29.08 -6.53 0.63
N ILE A 68 28.62 -6.31 -0.59
CA ILE A 68 29.41 -6.64 -1.76
C ILE A 68 30.67 -5.78 -1.82
N LYS A 69 30.51 -4.46 -1.67
CA LYS A 69 31.66 -3.56 -1.75
C LYS A 69 32.73 -3.92 -0.73
N MET A 70 32.31 -4.13 0.52
CA MET A 70 33.25 -4.37 1.61
C MET A 70 33.82 -5.77 1.62
N SER A 71 33.39 -6.64 0.69
CA SER A 71 33.95 -7.98 0.62
C SER A 71 35.45 -7.96 0.40
N LYS A 72 35.99 -6.88 -0.18
CA LYS A 72 37.42 -6.79 -0.41
C LYS A 72 38.22 -6.82 0.88
N MET A 73 37.59 -6.45 2.00
CA MET A 73 38.24 -6.42 3.30
C MET A 73 38.04 -7.71 4.09
N GLY A 74 37.24 -8.64 3.60
CA GLY A 74 37.03 -9.90 4.26
C GLY A 74 37.89 -11.01 3.66
N GLU A 75 37.53 -12.24 3.98
CA GLU A 75 38.30 -13.41 3.58
C GLU A 75 37.74 -14.11 2.35
N THR A 76 36.71 -13.53 1.71
CA THR A 76 36.15 -14.08 0.48
C THR A 76 36.54 -13.21 -0.70
N ARG A 77 37.11 -13.82 -1.72
CA ARG A 77 37.37 -13.12 -2.97
C ARG A 77 36.20 -13.39 -3.90
N LEU A 78 35.33 -12.39 -4.09
CA LEU A 78 34.25 -12.57 -5.04
C LEU A 78 34.81 -12.64 -6.45
N ASP A 79 34.28 -13.58 -7.25
CA ASP A 79 34.74 -13.72 -8.62
C ASP A 79 34.53 -12.41 -9.39
N GLY A 80 35.59 -11.91 -10.02
CA GLY A 80 35.51 -10.70 -10.79
C GLY A 80 35.40 -9.41 -10.01
N TYR A 81 35.62 -9.45 -8.69
CA TYR A 81 35.38 -8.28 -7.86
C TYR A 81 36.11 -7.05 -8.37
N SER A 82 35.40 -5.92 -8.39
CA SER A 82 35.99 -4.60 -8.50
C SER A 82 35.35 -3.73 -7.43
N ASP A 83 36.16 -2.91 -6.77
CA ASP A 83 35.61 -1.90 -5.88
C ASP A 83 34.81 -0.90 -6.70
N PHE A 84 33.84 -0.27 -6.05
CA PHE A 84 32.98 0.71 -6.70
C PHE A 84 32.45 1.66 -5.65
N VAL A 85 32.25 2.92 -6.04
CA VAL A 85 31.50 3.86 -5.22
C VAL A 85 30.02 3.51 -5.37
N VAL A 86 29.33 3.29 -4.25
CA VAL A 86 27.90 2.94 -4.38
C VAL A 86 27.18 4.09 -5.06
N PRO A 87 26.44 3.84 -6.14
CA PRO A 87 25.82 4.93 -6.91
C PRO A 87 24.56 5.47 -6.23
N PRO A 88 23.96 6.52 -6.80
CA PRO A 88 22.73 7.08 -6.21
C PRO A 88 21.58 6.10 -6.24
N LEU A 89 20.70 6.22 -5.27
CA LEU A 89 19.45 5.47 -5.29
C LEU A 89 18.60 5.92 -6.48
N GLU A 90 17.90 4.97 -7.09
CA GLU A 90 16.95 5.26 -8.16
C GLU A 90 15.62 4.59 -7.87
N GLY A 91 14.61 4.94 -8.64
CA GLY A 91 13.31 4.30 -8.51
C GLY A 91 12.54 4.34 -9.81
N PHE A 92 11.77 3.29 -10.04
CA PHE A 92 10.69 3.27 -11.03
C PHE A 92 9.35 3.47 -10.34
N TRP A 93 8.41 4.09 -11.06
CA TRP A 93 7.13 4.47 -10.49
C TRP A 93 6.04 4.23 -11.51
N TRP A 94 4.99 3.49 -11.14
CA TRP A 94 3.91 3.20 -12.07
C TRP A 94 2.64 2.89 -11.29
N SER A 95 1.57 2.57 -12.02
CA SER A 95 0.33 2.16 -11.37
C SER A 95 -0.33 1.03 -12.15
N GLU A 96 -1.23 0.33 -11.48
CA GLU A 96 -2.02 -0.74 -12.08
C GLU A 96 -3.45 -0.59 -11.59
N GLY A 97 -4.39 -0.52 -12.53
CA GLY A 97 -5.78 -0.22 -12.21
C GLY A 97 -6.03 1.27 -12.13
N LYS A 98 -7.30 1.61 -11.92
CA LYS A 98 -7.70 3.00 -11.81
C LYS A 98 -6.97 3.66 -10.63
N PHE A 99 -6.47 4.87 -10.84
CA PHE A 99 -5.44 5.42 -9.96
C PHE A 99 -5.58 6.92 -9.84
N ASP A 100 -5.43 7.42 -8.62
CA ASP A 100 -5.37 8.84 -8.32
C ASP A 100 -4.00 9.14 -7.72
N LEU A 101 -3.35 10.19 -8.22
CA LEU A 101 -1.99 10.51 -7.78
C LEU A 101 -1.93 10.85 -6.29
N LYS A 102 -2.97 11.51 -5.77
CA LYS A 102 -3.02 11.83 -4.34
C LYS A 102 -2.99 10.59 -3.48
N ASP A 103 -3.30 9.44 -4.05
CA ASP A 103 -3.42 8.18 -3.34
C ASP A 103 -2.04 7.53 -3.28
N ARG A 104 -1.22 8.04 -2.34
CA ARG A 104 0.17 7.58 -2.25
C ARG A 104 0.26 6.11 -1.88
N ASP A 105 -0.76 5.59 -1.20
CA ASP A 105 -0.77 4.17 -0.85
CA ASP A 105 -0.74 4.17 -0.85
C ASP A 105 -0.91 3.27 -2.07
N ALA A 106 -1.42 3.79 -3.17
CA ALA A 106 -1.60 3.01 -4.38
C ALA A 106 -0.38 3.02 -5.29
N TRP A 107 0.61 3.84 -4.99
CA TRP A 107 1.79 3.93 -5.85
C TRP A 107 2.48 2.57 -5.91
N LEU A 108 2.86 2.15 -7.10
CA LEU A 108 3.72 1.00 -7.26
C LEU A 108 5.12 1.48 -7.64
N TRP A 109 6.13 0.80 -7.13
CA TRP A 109 7.48 1.27 -7.36
C TRP A 109 8.48 0.12 -7.34
N THR A 110 9.67 0.42 -7.83
CA THR A 110 10.83 -0.44 -7.67
C THR A 110 11.98 0.44 -7.23
N SER A 111 12.62 0.09 -6.11
CA SER A 111 13.80 0.79 -5.64
CA SER A 111 13.80 0.80 -5.65
C SER A 111 15.03 0.08 -6.18
N ILE A 112 16.03 0.83 -6.66
CA ILE A 112 17.14 0.22 -7.37
C ILE A 112 18.48 0.87 -7.03
N LEU A 113 19.53 0.06 -7.09
CA LEU A 113 20.92 0.52 -7.05
C LEU A 113 21.70 -0.18 -8.13
N ARG A 114 22.40 0.58 -8.95
CA ARG A 114 23.27 -0.01 -9.96
C ARG A 114 24.44 -0.73 -9.30
N GLN A 115 24.90 -1.80 -9.97
CA GLN A 115 26.03 -2.61 -9.53
C GLN A 115 26.98 -2.86 -10.69
N PRO A 116 28.26 -3.12 -10.41
CA PRO A 116 29.18 -3.58 -11.47
C PRO A 116 28.74 -4.92 -12.04
N ASP A 117 29.30 -5.24 -13.22
CA ASP A 117 28.94 -6.45 -13.94
C ASP A 117 29.26 -7.72 -13.18
N PHE A 118 30.29 -7.71 -12.31
CA PHE A 118 30.61 -8.95 -11.64
C PHE A 118 29.53 -9.40 -10.68
N VAL A 119 28.57 -8.55 -10.34
CA VAL A 119 27.54 -8.95 -9.41
C VAL A 119 26.55 -9.85 -10.15
N THR A 120 26.63 -11.14 -9.85
CA THR A 120 25.80 -12.20 -10.41
C THR A 120 24.83 -12.67 -9.34
N GLU A 121 23.95 -13.59 -9.74
CA GLU A 121 23.02 -14.19 -8.77
C GLU A 121 23.78 -14.90 -7.66
N GLU A 122 24.91 -15.53 -8.00
CA GLU A 122 25.72 -16.20 -6.99
C GLU A 122 26.30 -15.20 -6.00
N VAL A 123 26.76 -14.04 -6.49
CA VAL A 123 27.23 -12.98 -5.60
C VAL A 123 26.10 -12.49 -4.71
N LEU A 124 24.90 -12.31 -5.29
CA LEU A 124 23.78 -11.83 -4.50
C LEU A 124 23.43 -12.81 -3.38
N GLU A 125 23.40 -14.11 -3.70
CA GLU A 125 23.10 -15.10 -2.67
C GLU A 125 24.14 -15.08 -1.56
N TRP A 126 25.41 -14.95 -1.94
CA TRP A 126 26.48 -14.84 -0.94
C TRP A 126 26.27 -13.62 -0.05
N ALA A 127 25.94 -12.48 -0.66
CA ALA A 127 25.77 -11.24 0.10
C ALA A 127 24.59 -11.33 1.04
N LYS A 128 23.49 -11.95 0.61
CA LYS A 128 22.34 -12.13 1.51
C LYS A 128 22.75 -12.93 2.73
N GLU A 129 23.56 -13.97 2.54
CA GLU A 129 23.98 -14.81 3.65
C GLU A 129 24.91 -14.04 4.59
N VAL A 130 25.88 -13.32 4.03
CA VAL A 130 26.79 -12.52 4.87
C VAL A 130 26.01 -11.44 5.62
N ALA A 131 25.09 -10.77 4.94
CA ALA A 131 24.31 -9.72 5.58
C ALA A 131 23.41 -10.27 6.68
N ARG A 132 22.91 -11.50 6.52
CA ARG A 132 22.12 -12.13 7.57
C ARG A 132 22.89 -12.21 8.87
N LYS A 133 24.19 -12.52 8.78
CA LYS A 133 25.05 -12.53 9.96
C LYS A 133 25.36 -11.13 10.45
N LYS A 134 25.85 -10.26 9.58
CA LYS A 134 26.37 -8.96 10.01
C LYS A 134 25.26 -7.96 10.29
N LYS A 135 24.19 -8.00 9.51
CA LYS A 135 23.10 -7.03 9.60
C LYS A 135 21.79 -7.79 9.83
N PRO A 136 21.65 -8.45 10.98
CA PRO A 136 20.56 -9.43 11.14
C PRO A 136 19.16 -8.81 11.17
N ASP A 137 19.06 -7.50 11.42
CA ASP A 137 17.74 -6.86 11.46
C ASP A 137 17.19 -6.51 10.09
N VAL A 138 18.01 -6.59 9.03
CA VAL A 138 17.59 -6.26 7.68
C VAL A 138 17.19 -7.52 6.93
N ASP A 139 15.93 -7.57 6.46
CA ASP A 139 15.46 -8.69 5.64
C ASP A 139 15.75 -8.33 4.18
N THR A 140 16.67 -9.06 3.57
CA THR A 140 17.05 -8.80 2.18
C THR A 140 16.40 -9.78 1.20
N SER A 141 15.41 -10.54 1.65
CA SER A 141 14.90 -11.63 0.82
C SER A 141 14.20 -11.15 -0.45
N ARG A 142 13.72 -9.91 -0.49
CA ARG A 142 13.05 -9.43 -1.69
C ARG A 142 14.01 -8.75 -2.66
N VAL A 143 15.29 -8.64 -2.33
CA VAL A 143 16.25 -8.05 -3.25
C VAL A 143 16.49 -9.02 -4.40
N LYS A 144 16.37 -8.51 -5.63
CA LYS A 144 16.66 -9.28 -6.83
C LYS A 144 17.70 -8.56 -7.67
N LEU A 145 18.21 -9.28 -8.66
CA LEU A 145 19.23 -8.77 -9.56
C LEU A 145 18.61 -8.72 -10.94
N VAL A 146 18.61 -7.54 -11.56
CA VAL A 146 17.98 -7.33 -12.85
C VAL A 146 18.94 -6.56 -13.73
N ARG A 147 19.23 -7.09 -14.90
CA ARG A 147 20.06 -6.42 -15.89
C ARG A 147 19.21 -6.07 -17.11
N PHE A 148 19.28 -4.81 -17.56
CA PHE A 148 18.46 -4.41 -18.69
C PHE A 148 19.02 -3.12 -19.29
N GLU A 149 18.67 -2.91 -20.56
CA GLU A 149 19.01 -1.69 -21.30
C GLU A 149 17.77 -0.78 -21.29
N GLU A 150 17.81 0.28 -20.50
CA GLU A 150 16.67 1.19 -20.44
C GLU A 150 16.41 1.83 -21.80
N GLY A 151 17.47 2.14 -22.55
CA GLY A 151 17.29 2.59 -23.92
C GLY A 151 17.03 4.07 -24.09
N GLU A 152 16.27 4.40 -25.12
CA GLU A 152 16.05 5.80 -25.50
C GLU A 152 15.09 6.49 -24.53
N CYS A 153 15.55 7.61 -23.97
CA CYS A 153 14.81 8.36 -22.98
C CYS A 153 14.98 9.86 -23.21
N VAL A 154 14.20 10.63 -22.47
CA VAL A 154 14.43 12.05 -22.25
C VAL A 154 14.62 12.23 -20.75
N GLN A 155 15.57 13.09 -20.36
CA GLN A 155 15.78 13.33 -18.93
C GLN A 155 16.03 14.80 -18.68
N MET A 156 15.86 15.18 -17.41
CA MET A 156 16.06 16.55 -16.99
C MET A 156 16.30 16.55 -15.49
N MET A 157 17.16 17.47 -15.02
CA MET A 157 17.36 17.65 -13.60
C MET A 157 16.19 18.44 -13.02
N HIS A 158 15.50 17.86 -12.05
CA HIS A 158 14.46 18.55 -11.30
C HIS A 158 15.05 19.05 -9.99
N VAL A 159 15.07 20.38 -9.83
CA VAL A 159 15.51 21.00 -8.58
C VAL A 159 14.27 21.44 -7.83
N GLY A 160 14.11 20.97 -6.60
CA GLY A 160 13.02 21.39 -5.76
C GLY A 160 12.17 20.23 -5.29
N PRO A 161 11.02 20.54 -4.69
CA PRO A 161 10.22 19.49 -4.02
C PRO A 161 9.61 18.53 -5.02
N PHE A 162 9.37 17.31 -4.55
CA PHE A 162 8.70 16.33 -5.40
C PHE A 162 7.33 16.82 -5.86
N SER A 163 6.65 17.60 -5.02
CA SER A 163 5.33 18.11 -5.38
C SER A 163 5.36 19.07 -6.56
N GLU A 164 6.53 19.57 -6.95
CA GLU A 164 6.69 20.46 -8.09
C GLU A 164 7.27 19.76 -9.31
N ALA A 165 7.48 18.45 -9.24
CA ALA A 165 8.02 17.70 -10.37
C ALA A 165 7.18 17.86 -11.63
N VAL A 166 5.88 18.14 -11.48
CA VAL A 166 5.03 18.34 -12.65
C VAL A 166 5.59 19.43 -13.57
N HIS A 167 6.26 20.44 -13.02
CA HIS A 167 6.84 21.47 -13.87
C HIS A 167 7.90 20.89 -14.80
N THR A 168 8.77 20.05 -14.23
CA THR A 168 9.83 19.43 -15.02
C THR A 168 9.26 18.42 -16.01
N VAL A 169 8.31 17.59 -15.55
CA VAL A 169 7.68 16.63 -16.44
C VAL A 169 6.99 17.33 -17.62
N ALA A 170 6.33 18.46 -17.34
CA ALA A 170 5.65 19.17 -18.44
C ALA A 170 6.65 19.70 -19.46
N GLU A 171 7.79 20.21 -18.99
CA GLU A 171 8.81 20.67 -19.92
C GLU A 171 9.35 19.52 -20.77
N MET A 172 9.55 18.35 -20.16
CA MET A 172 9.99 17.17 -20.89
C MET A 172 8.95 16.75 -21.92
N HIS A 173 7.67 16.81 -21.56
CA HIS A 173 6.62 16.45 -22.52
C HIS A 173 6.62 17.40 -23.71
N GLN A 174 6.82 18.69 -23.45
CA GLN A 174 6.87 19.68 -24.52
C GLN A 174 8.06 19.42 -25.43
N PHE A 175 9.22 19.09 -24.84
CA PHE A 175 10.39 18.72 -25.64
C PHE A 175 10.08 17.52 -26.53
N MET A 176 9.39 16.50 -25.99
CA MET A 176 9.03 15.35 -26.80
C MET A 176 8.19 15.77 -28.00
N GLU A 177 7.21 16.66 -27.78
CA GLU A 177 6.41 17.16 -28.91
C GLU A 177 7.29 17.84 -29.94
N THR A 178 8.16 18.74 -29.48
CA THR A 178 9.03 19.50 -30.36
C THR A 178 9.89 18.58 -31.21
N GLU A 179 10.38 17.50 -30.62
CA GLU A 179 11.29 16.59 -31.29
C GLU A 179 10.60 15.44 -32.01
N GLY A 180 9.28 15.33 -31.91
CA GLY A 180 8.59 14.22 -32.56
C GLY A 180 8.77 12.89 -31.85
N LEU A 181 9.00 12.90 -30.54
CA LEU A 181 9.24 11.69 -29.77
C LEU A 181 7.93 11.21 -29.16
N ARG A 182 7.70 9.90 -29.19
CA ARG A 182 6.56 9.30 -28.54
C ARG A 182 6.91 9.01 -27.08
N ASN A 183 5.98 9.32 -26.18
CA ASN A 183 6.17 9.07 -24.76
C ASN A 183 5.74 7.65 -24.45
N ASP A 184 6.70 6.78 -24.07
CA ASP A 184 6.42 5.39 -23.78
C ASP A 184 6.09 5.14 -22.31
N THR A 185 6.10 6.18 -21.47
CA THR A 185 5.96 6.00 -20.03
C THR A 185 4.70 5.22 -19.69
N GLY A 186 4.85 4.18 -18.88
CA GLY A 186 3.71 3.39 -18.48
C GLY A 186 4.12 2.28 -17.54
N ALA A 187 3.49 1.11 -17.67
CA ALA A 187 3.75 -0.01 -16.78
C ALA A 187 4.80 -0.97 -17.30
N ILE A 188 5.35 -0.73 -18.48
CA ILE A 188 6.43 -1.54 -19.04
C ILE A 188 7.74 -0.78 -19.01
N ARG A 189 7.83 0.32 -19.74
CA ARG A 189 8.93 1.27 -19.65
C ARG A 189 8.46 2.36 -18.71
N LYS A 190 9.10 2.46 -17.55
CA LYS A 190 8.53 3.15 -16.40
C LYS A 190 9.19 4.51 -16.13
N HIS A 191 8.37 5.42 -15.60
CA HIS A 191 8.86 6.70 -15.07
C HIS A 191 9.99 6.40 -14.10
N HIS A 192 11.08 7.15 -14.21
CA HIS A 192 12.33 6.81 -13.52
C HIS A 192 12.90 8.04 -12.84
N LEU A 193 13.16 7.92 -11.54
CA LEU A 193 13.79 8.96 -10.75
C LEU A 193 15.17 8.51 -10.30
N ILE A 194 16.14 9.42 -10.32
CA ILE A 194 17.44 9.18 -9.71
C ILE A 194 17.65 10.24 -8.64
N TYR A 195 17.78 9.79 -7.39
CA TYR A 195 17.81 10.70 -6.25
C TYR A 195 19.25 11.11 -5.96
N LEU A 196 19.59 12.36 -6.29
CA LEU A 196 20.92 12.85 -5.97
C LEU A 196 21.01 13.40 -4.55
N SER A 197 19.87 13.73 -3.94
CA SER A 197 19.78 14.20 -2.56
C SER A 197 19.09 13.16 -1.69
N ASP A 198 19.40 13.17 -0.39
CA ASP A 198 18.63 12.39 0.57
C ASP A 198 17.42 13.23 1.03
N PRO A 199 16.20 12.88 0.60
CA PRO A 199 15.03 13.69 0.97
C PRO A 199 14.80 13.78 2.47
N ARG A 200 15.31 12.84 3.25
CA ARG A 200 15.15 12.92 4.70
C ARG A 200 16.00 14.04 5.30
N LYS A 201 17.10 14.40 4.64
CA LYS A 201 18.04 15.37 5.19
C LYS A 201 18.12 16.68 4.41
N ALA A 202 17.52 16.76 3.23
CA ALA A 202 17.69 17.91 2.35
C ALA A 202 16.54 18.89 2.50
N ASN A 203 16.84 20.16 2.30
CA ASN A 203 15.80 21.15 2.11
C ASN A 203 15.06 20.81 0.83
N PRO A 204 13.75 20.56 0.89
CA PRO A 204 13.02 20.21 -0.34
C PRO A 204 13.22 21.20 -1.46
N GLU A 205 13.35 22.49 -1.15
CA GLU A 205 13.52 23.49 -2.20
C GLU A 205 14.81 23.32 -2.97
N LYS A 206 15.81 22.64 -2.40
CA LYS A 206 17.12 22.51 -3.03
C LYS A 206 17.46 21.07 -3.41
N MET A 207 16.51 20.15 -3.32
CA MET A 207 16.77 18.77 -3.70
C MET A 207 17.03 18.70 -5.20
N LYS A 208 17.88 17.75 -5.60
CA LYS A 208 18.17 17.48 -7.00
C LYS A 208 17.77 16.05 -7.30
N THR A 209 16.89 15.88 -8.29
CA THR A 209 16.40 14.56 -8.66
C THR A 209 16.37 14.54 -10.19
N ILE A 210 16.99 13.53 -10.79
CA ILE A 210 16.84 13.35 -12.23
C ILE A 210 15.50 12.70 -12.49
N LEU A 211 14.73 13.25 -13.43
CA LEU A 211 13.55 12.60 -13.93
C LEU A 211 13.84 12.13 -15.35
N ARG A 212 13.52 10.87 -15.62
CA ARG A 212 13.85 10.26 -16.91
C ARG A 212 12.63 9.50 -17.38
N LEU A 213 12.22 9.75 -18.62
CA LEU A 213 11.02 9.18 -19.21
C LEU A 213 11.41 8.47 -20.50
N PRO A 214 10.92 7.26 -20.70
CA PRO A 214 11.28 6.50 -21.90
C PRO A 214 10.52 6.99 -23.12
N VAL A 215 11.20 6.99 -24.28
CA VAL A 215 10.63 7.49 -25.51
C VAL A 215 10.90 6.53 -26.67
N SER A 216 10.14 6.73 -27.74
CA SER A 216 10.35 5.99 -28.98
C SER A 216 10.05 6.88 -30.18
N LYS B 12 7.14 -5.77 9.22
CA LYS B 12 6.13 -4.72 9.24
C LYS B 12 4.77 -5.25 9.70
N LYS B 13 4.15 -4.53 10.64
CA LYS B 13 2.80 -4.84 11.10
C LYS B 13 1.80 -4.32 10.07
N ILE B 14 0.87 -5.18 9.64
CA ILE B 14 -0.15 -4.75 8.70
C ILE B 14 -1.09 -3.77 9.39
N ASP B 15 -1.34 -2.64 8.75
CA ASP B 15 -2.28 -1.64 9.27
C ASP B 15 -3.12 -1.15 8.10
N PHE B 16 -4.33 -1.70 7.97
CA PHE B 16 -5.13 -1.42 6.78
C PHE B 16 -5.48 0.06 6.67
N LYS B 17 -5.77 0.72 7.78
CA LYS B 17 -6.12 2.15 7.72
C LYS B 17 -4.96 2.98 7.25
N LYS B 18 -3.74 2.57 7.59
CA LYS B 18 -2.55 3.33 7.23
C LYS B 18 -2.13 3.03 5.80
N GLU B 19 -2.17 1.76 5.42
CA GLU B 19 -1.69 1.32 4.11
C GLU B 19 -2.71 1.50 3.00
N GLU B 20 -3.99 1.65 3.34
CA GLU B 20 -5.06 1.76 2.36
C GLU B 20 -6.00 2.90 2.74
N LYS B 21 -5.43 4.10 2.93
CA LYS B 21 -6.17 5.22 3.48
C LYS B 21 -7.40 5.56 2.64
N LYS B 22 -7.32 5.35 1.32
CA LYS B 22 -8.43 5.70 0.45
C LYS B 22 -9.71 4.98 0.84
N PHE B 23 -9.60 3.75 1.36
CA PHE B 23 -10.78 3.02 1.78
C PHE B 23 -11.26 3.42 3.17
N TYR B 24 -10.41 4.06 3.98
CA TYR B 24 -10.76 4.32 5.37
C TYR B 24 -10.79 5.79 5.75
N ALA B 25 -10.51 6.70 4.82
CA ALA B 25 -10.46 8.14 5.15
C ALA B 25 -11.05 8.98 4.02
N PRO B 26 -12.32 8.73 3.65
CA PRO B 26 -12.99 9.66 2.74
C PRO B 26 -13.16 11.01 3.44
N LYS B 27 -13.37 12.04 2.64
CA LYS B 27 -13.68 13.37 3.16
C LYS B 27 -15.19 13.47 3.38
N ARG B 28 -15.64 14.62 3.85
CA ARG B 28 -17.07 14.89 4.00
C ARG B 28 -17.74 15.30 2.69
N LYS B 29 -17.39 14.60 1.61
CA LYS B 29 -17.99 14.78 0.30
C LYS B 29 -18.01 13.40 -0.34
N PRO B 30 -18.98 13.12 -1.20
CA PRO B 30 -19.03 11.81 -1.84
C PRO B 30 -17.87 11.62 -2.81
N GLU B 31 -17.39 10.38 -2.88
CA GLU B 31 -16.33 10.04 -3.82
C GLU B 31 -16.57 8.65 -4.39
N ARG B 32 -16.17 8.45 -5.63
CA ARG B 32 -16.15 7.11 -6.23
C ARG B 32 -14.91 6.36 -5.78
N ILE B 33 -15.08 5.06 -5.57
CA ILE B 33 -13.95 4.18 -5.24
C ILE B 33 -14.30 2.78 -5.70
N PHE B 34 -13.28 2.03 -6.13
CA PHE B 34 -13.46 0.60 -6.40
C PHE B 34 -12.83 -0.16 -5.23
N VAL B 35 -13.62 -0.99 -4.56
CA VAL B 35 -13.15 -1.72 -3.38
C VAL B 35 -12.86 -3.16 -3.81
N PRO B 36 -11.60 -3.57 -3.81
CA PRO B 36 -11.24 -4.90 -4.29
C PRO B 36 -11.57 -5.99 -3.26
N GLU B 37 -11.34 -7.22 -3.68
CA GLU B 37 -11.51 -8.39 -2.83
C GLU B 37 -10.71 -8.21 -1.54
N MET B 38 -11.38 -8.47 -0.42
CA MET B 38 -10.77 -8.42 0.90
C MET B 38 -11.26 -9.63 1.69
N ASN B 39 -10.53 -9.94 2.76
CA ASN B 39 -10.81 -11.09 3.61
C ASN B 39 -11.45 -10.60 4.90
N PHE B 40 -12.52 -11.26 5.36
CA PHE B 40 -13.27 -10.79 6.51
C PHE B 40 -13.70 -11.92 7.43
N LEU B 41 -13.70 -11.64 8.74
CA LEU B 41 -14.55 -12.35 9.68
C LEU B 41 -15.93 -11.70 9.64
N MET B 42 -16.98 -12.52 9.62
CA MET B 42 -18.34 -12.01 9.54
C MET B 42 -19.27 -12.80 10.45
N VAL B 43 -20.25 -12.10 11.02
CA VAL B 43 -21.35 -12.72 11.77
C VAL B 43 -22.65 -12.06 11.32
N ASP B 44 -23.58 -12.88 10.83
CA ASP B 44 -24.93 -12.40 10.51
C ASP B 44 -25.79 -12.37 11.76
N GLY B 45 -26.70 -11.39 11.84
CA GLY B 45 -27.57 -11.36 12.99
C GLY B 45 -28.74 -10.41 12.81
N LYS B 46 -29.51 -10.30 13.89
CA LYS B 46 -30.72 -9.48 13.95
C LYS B 46 -30.78 -8.75 15.28
N GLY B 47 -31.30 -7.54 15.25
CA GLY B 47 -31.71 -6.83 16.45
C GLY B 47 -30.85 -5.62 16.76
N ASP B 48 -31.13 -5.07 17.93
CA ASP B 48 -30.58 -3.79 18.40
C ASP B 48 -29.12 -3.96 18.79
N PRO B 49 -28.28 -2.95 18.55
CA PRO B 49 -26.87 -3.07 18.98
C PRO B 49 -26.71 -3.31 20.47
N ASP B 50 -27.65 -2.87 21.31
CA ASP B 50 -27.62 -3.19 22.73
C ASP B 50 -28.12 -4.59 23.05
N GLY B 51 -28.65 -5.30 22.07
CA GLY B 51 -29.17 -6.62 22.32
C GLY B 51 -28.07 -7.67 22.36
N GLU B 52 -28.40 -8.80 22.99
CA GLU B 52 -27.43 -9.86 23.19
C GLU B 52 -26.86 -10.37 21.87
N GLU B 53 -27.67 -10.39 20.82
CA GLU B 53 -27.19 -10.98 19.58
C GLU B 53 -26.06 -10.16 18.98
N TYR B 54 -26.24 -8.84 18.91
CA TYR B 54 -25.19 -8.00 18.36
C TYR B 54 -23.96 -7.98 19.27
N GLN B 55 -24.18 -7.92 20.59
CA GLN B 55 -23.04 -7.92 21.51
C GLN B 55 -22.24 -9.20 21.40
N LYS B 56 -22.91 -10.35 21.32
CA LYS B 56 -22.18 -11.60 21.15
C LYS B 56 -21.45 -11.64 19.82
N ALA B 57 -22.07 -11.10 18.77
CA ALA B 57 -21.44 -11.10 17.44
C ALA B 57 -20.13 -10.32 17.46
N VAL B 58 -20.18 -9.08 17.94
CA VAL B 58 -18.97 -8.25 17.94
C VAL B 58 -17.93 -8.82 18.89
N GLN B 59 -18.36 -9.29 20.06
CA GLN B 59 -17.40 -9.88 20.98
C GLN B 59 -16.70 -11.07 20.35
N SER B 60 -17.43 -11.87 19.58
CA SER B 60 -16.81 -13.03 18.95
C SER B 60 -15.82 -12.61 17.86
N LEU B 61 -16.14 -11.57 17.10
CA LEU B 61 -15.20 -11.10 16.08
C LEU B 61 -13.88 -10.67 16.71
N TYR B 62 -13.96 -9.86 17.77
CA TYR B 62 -12.74 -9.37 18.40
C TYR B 62 -11.99 -10.50 19.10
N ALA B 63 -12.72 -11.44 19.69
CA ALA B 63 -12.05 -12.57 20.34
C ALA B 63 -11.21 -13.35 19.34
N ILE B 64 -11.78 -13.62 18.16
CA ILE B 64 -11.05 -14.35 17.13
C ILE B 64 -9.90 -13.52 16.60
N ALA B 65 -10.16 -12.26 16.25
CA ALA B 65 -9.11 -11.43 15.68
C ALA B 65 -7.92 -11.33 16.61
N TYR B 66 -8.17 -11.10 17.90
CA TYR B 66 -7.07 -11.00 18.84
C TYR B 66 -6.38 -12.34 19.09
N THR B 67 -7.14 -13.45 19.05
CA THR B 67 -6.49 -14.76 19.16
C THR B 67 -5.48 -14.96 18.04
N ILE B 68 -5.86 -14.58 16.82
CA ILE B 68 -4.96 -14.70 15.68
C ILE B 68 -3.78 -13.74 15.83
N LYS B 69 -4.06 -12.47 16.12
CA LYS B 69 -3.01 -11.47 16.24
C LYS B 69 -1.99 -11.86 17.31
N MET B 70 -2.48 -12.25 18.46
CA MET B 70 -1.60 -12.48 19.60
C MET B 70 -0.91 -13.84 19.54
N SER B 71 -1.16 -14.64 18.50
CA SER B 71 -0.51 -15.94 18.34
C SER B 71 1.00 -15.82 18.30
N LYS B 72 1.51 -14.65 17.93
CA LYS B 72 2.96 -14.42 17.92
C LYS B 72 3.58 -14.55 19.31
N MET B 73 2.79 -14.38 20.38
CA MET B 73 3.33 -14.47 21.73
C MET B 73 3.33 -15.89 22.26
N GLY B 74 2.69 -16.82 21.55
CA GLY B 74 2.66 -18.21 21.92
C GLY B 74 3.65 -19.04 21.12
N GLU B 75 3.39 -20.34 21.07
CA GLU B 75 4.28 -21.25 20.38
C GLU B 75 3.86 -21.53 18.93
N THR B 76 2.60 -21.23 18.58
CA THR B 76 2.09 -21.55 17.25
C THR B 76 2.54 -20.47 16.26
N ARG B 77 3.20 -20.90 15.18
CA ARG B 77 3.56 -20.03 14.07
C ARG B 77 2.58 -20.34 12.94
N LEU B 78 1.56 -19.51 12.80
CA LEU B 78 0.58 -19.70 11.73
C LEU B 78 1.25 -19.46 10.37
N ASP B 79 0.90 -20.29 9.39
CA ASP B 79 1.48 -20.13 8.06
C ASP B 79 1.22 -18.73 7.54
N GLY B 80 2.28 -18.07 7.11
CA GLY B 80 2.14 -16.74 6.56
C GLY B 80 1.84 -15.65 7.56
N TYR B 81 1.96 -15.94 8.86
CA TYR B 81 1.58 -14.96 9.88
C TYR B 81 2.27 -13.62 9.68
N SER B 82 1.48 -12.55 9.80
CA SER B 82 1.99 -11.20 10.04
C SER B 82 1.19 -10.60 11.17
N ASP B 83 1.85 -9.85 12.05
CA ASP B 83 1.11 -9.06 13.00
C ASP B 83 0.29 -8.01 12.24
N PHE B 84 -0.82 -7.59 12.84
CA PHE B 84 -1.70 -6.62 12.21
C PHE B 84 -2.41 -5.84 13.31
N VAL B 85 -2.68 -4.59 13.03
CA VAL B 85 -3.56 -3.81 13.88
C VAL B 85 -4.99 -4.24 13.57
N VAL B 86 -5.77 -4.55 14.60
CA VAL B 86 -7.16 -4.93 14.31
C VAL B 86 -7.86 -3.74 13.67
N PRO B 87 -8.50 -3.91 12.51
CA PRO B 87 -9.08 -2.77 11.80
C PRO B 87 -10.37 -2.31 12.44
N PRO B 88 -10.94 -1.20 11.98
CA PRO B 88 -12.22 -0.75 12.53
C PRO B 88 -13.34 -1.75 12.27
N LEU B 89 -14.28 -1.79 13.20
CA LEU B 89 -15.49 -2.58 13.01
C LEU B 89 -16.30 -2.03 11.85
N GLU B 90 -16.93 -2.93 11.09
CA GLU B 90 -17.82 -2.52 10.03
C GLU B 90 -19.14 -3.28 10.16
N GLY B 91 -20.13 -2.83 9.43
CA GLY B 91 -21.39 -3.54 9.38
C GLY B 91 -22.08 -3.34 8.06
N PHE B 92 -22.72 -4.41 7.59
CA PHE B 92 -23.73 -4.28 6.57
C PHE B 92 -25.07 -4.22 7.27
N TRP B 93 -25.97 -3.43 6.71
CA TRP B 93 -27.26 -3.17 7.32
C TRP B 93 -28.25 -3.44 6.18
N TRP B 94 -29.06 -4.48 6.34
CA TRP B 94 -29.80 -5.04 5.22
C TRP B 94 -31.21 -4.47 5.14
N SER B 95 -31.64 -4.19 3.91
CA SER B 95 -32.93 -3.54 3.69
C SER B 95 -34.08 -4.37 4.23
N GLU B 96 -33.94 -5.69 4.28
CA GLU B 96 -35.04 -6.53 4.72
C GLU B 96 -35.46 -6.23 6.15
N GLY B 97 -34.55 -5.72 6.98
CA GLY B 97 -34.90 -5.27 8.32
C GLY B 97 -35.24 -3.80 8.41
N LYS B 98 -35.27 -3.10 7.28
CA LYS B 98 -35.56 -1.66 7.19
C LYS B 98 -34.45 -0.81 7.78
N PHE B 99 -34.45 0.48 7.46
CA PHE B 99 -33.46 1.43 7.93
C PHE B 99 -34.06 2.42 8.91
N ASP B 100 -34.98 1.93 9.75
CA ASP B 100 -35.69 2.77 10.70
C ASP B 100 -34.86 2.88 11.97
N LEU B 101 -34.32 4.07 12.24
CA LEU B 101 -33.59 4.29 13.48
C LEU B 101 -34.47 4.18 14.72
N LYS B 102 -35.79 4.12 14.56
CA LYS B 102 -36.71 3.98 15.67
C LYS B 102 -37.07 2.53 15.97
N ASP B 103 -36.87 1.62 15.03
CA ASP B 103 -37.18 0.21 15.23
C ASP B 103 -35.91 -0.62 15.01
N ARG B 104 -35.02 -0.54 15.99
CA ARG B 104 -33.74 -1.24 15.90
C ARG B 104 -33.88 -2.74 16.13
N ASP B 105 -34.94 -3.19 16.83
CA ASP B 105 -35.14 -4.61 17.06
C ASP B 105 -35.32 -5.38 15.75
N ALA B 106 -35.77 -4.72 14.69
CA ALA B 106 -36.01 -5.35 13.41
C ALA B 106 -34.76 -5.37 12.51
N TRP B 107 -33.71 -4.67 12.88
CA TRP B 107 -32.54 -4.58 12.02
C TRP B 107 -31.95 -5.94 11.70
N LEU B 108 -31.59 -6.13 10.44
CA LEU B 108 -30.78 -7.25 10.01
C LEU B 108 -29.40 -6.72 9.61
N TRP B 109 -28.36 -7.45 9.99
CA TRP B 109 -27.02 -6.93 9.83
C TRP B 109 -26.02 -8.07 9.69
N THR B 110 -24.82 -7.69 9.23
CA THR B 110 -23.64 -8.54 9.26
C THR B 110 -22.55 -7.69 9.87
N SER B 111 -21.99 -8.15 10.99
CA SER B 111 -20.88 -7.46 11.63
C SER B 111 -19.57 -8.06 11.11
N ILE B 112 -18.58 -7.21 10.80
CA ILE B 112 -17.39 -7.68 10.10
C ILE B 112 -16.12 -7.00 10.61
N LEU B 113 -15.03 -7.76 10.52
CA LEU B 113 -13.67 -7.26 10.71
C LEU B 113 -12.80 -7.79 9.58
N ARG B 114 -12.10 -6.89 8.91
CA ARG B 114 -11.14 -7.32 7.90
C ARG B 114 -10.00 -8.09 8.54
N GLN B 115 -9.44 -9.03 7.79
CA GLN B 115 -8.31 -9.84 8.23
C GLN B 115 -7.24 -9.90 7.15
N PRO B 116 -5.98 -10.11 7.53
CA PRO B 116 -4.95 -10.37 6.52
C PRO B 116 -5.26 -11.64 5.73
N ASP B 117 -4.64 -11.73 4.56
CA ASP B 117 -4.84 -12.88 3.67
C ASP B 117 -4.38 -14.18 4.30
N PHE B 118 -3.40 -14.15 5.20
CA PHE B 118 -2.96 -15.43 5.77
C PHE B 118 -4.04 -16.10 6.59
N VAL B 119 -5.10 -15.39 6.96
CA VAL B 119 -6.19 -16.00 7.72
C VAL B 119 -7.05 -16.84 6.77
N THR B 120 -6.90 -18.15 6.87
CA THR B 120 -7.62 -19.16 6.10
C THR B 120 -8.66 -19.82 6.98
N GLU B 121 -9.46 -20.70 6.39
CA GLU B 121 -10.42 -21.44 7.17
C GLU B 121 -9.74 -22.26 8.26
N GLU B 122 -8.55 -22.79 7.95
CA GLU B 122 -7.81 -23.55 8.96
C GLU B 122 -7.37 -22.67 10.11
N VAL B 123 -6.91 -21.44 9.82
CA VAL B 123 -6.58 -20.50 10.89
C VAL B 123 -7.81 -20.18 11.72
N LEU B 124 -8.96 -19.97 11.07
CA LEU B 124 -10.17 -19.67 11.83
C LEU B 124 -10.54 -20.82 12.76
N GLU B 125 -10.46 -22.06 12.25
CA GLU B 125 -10.78 -23.21 13.09
C GLU B 125 -9.82 -23.31 14.26
N TRP B 126 -8.53 -23.08 14.02
CA TRP B 126 -7.56 -23.07 15.11
C TRP B 126 -7.91 -22.00 16.14
N ALA B 127 -8.27 -20.80 15.67
CA ALA B 127 -8.58 -19.70 16.60
C ALA B 127 -9.81 -20.01 17.42
N LYS B 128 -10.83 -20.61 16.79
CA LYS B 128 -12.02 -21.03 17.54
C LYS B 128 -11.65 -22.02 18.63
N GLU B 129 -10.76 -22.97 18.33
CA GLU B 129 -10.37 -23.95 19.33
C GLU B 129 -9.57 -23.31 20.46
N VAL B 130 -8.62 -22.43 20.13
CA VAL B 130 -7.87 -21.74 21.17
C VAL B 130 -8.81 -20.90 22.03
N ALA B 131 -9.74 -20.17 21.39
CA ALA B 131 -10.65 -19.34 22.16
C ALA B 131 -11.60 -20.16 23.01
N ARG B 132 -11.99 -21.35 22.55
CA ARG B 132 -12.83 -22.22 23.38
C ARG B 132 -12.17 -22.51 24.72
N LYS B 133 -10.85 -22.72 24.70
CA LYS B 133 -10.08 -22.93 25.93
C LYS B 133 -9.88 -21.62 26.70
N LYS B 134 -9.33 -20.61 26.03
CA LYS B 134 -8.84 -19.41 26.68
C LYS B 134 -9.94 -18.41 26.99
N LYS B 135 -10.95 -18.31 26.13
CA LYS B 135 -12.05 -17.35 26.28
C LYS B 135 -13.35 -18.15 26.28
N PRO B 136 -13.55 -19.00 27.29
CA PRO B 136 -14.59 -20.04 27.16
C PRO B 136 -16.01 -19.50 27.13
N ASP B 137 -16.26 -18.30 27.63
CA ASP B 137 -17.61 -17.75 27.63
C ASP B 137 -17.99 -17.09 26.31
N VAL B 138 -17.05 -16.92 25.38
CA VAL B 138 -17.33 -16.25 24.11
C VAL B 138 -17.78 -17.32 23.12
N ASP B 139 -18.97 -17.13 22.56
CA ASP B 139 -19.51 -18.05 21.57
C ASP B 139 -19.03 -17.61 20.19
N THR B 140 -18.14 -18.39 19.59
CA THR B 140 -17.62 -18.06 18.26
C THR B 140 -18.27 -18.88 17.16
N SER B 141 -19.37 -19.58 17.46
CA SER B 141 -19.93 -20.55 16.52
C SER B 141 -20.48 -19.91 15.25
N ARG B 142 -20.85 -18.63 15.29
CA ARG B 142 -21.40 -17.97 14.12
C ARG B 142 -20.37 -17.19 13.31
N VAL B 143 -19.10 -17.18 13.72
CA VAL B 143 -18.08 -16.46 12.96
C VAL B 143 -17.73 -17.25 11.71
N LYS B 144 -17.82 -16.59 10.56
CA LYS B 144 -17.45 -17.20 9.29
C LYS B 144 -16.33 -16.39 8.66
N LEU B 145 -15.52 -17.04 7.84
CA LEU B 145 -14.49 -16.37 7.08
C LEU B 145 -14.97 -16.22 5.64
N VAL B 146 -15.06 -14.99 5.17
CA VAL B 146 -15.67 -14.70 3.88
C VAL B 146 -14.80 -13.70 3.13
N ARG B 147 -14.42 -14.04 1.91
CA ARG B 147 -13.74 -13.09 1.03
C ARG B 147 -14.82 -12.40 0.21
N PHE B 148 -14.67 -11.08 0.02
CA PHE B 148 -15.74 -10.31 -0.60
C PHE B 148 -15.12 -9.15 -1.34
N GLU B 149 -15.55 -8.96 -2.60
CA GLU B 149 -15.18 -7.82 -3.43
C GLU B 149 -16.40 -6.90 -3.51
N GLU B 150 -16.35 -5.79 -2.79
CA GLU B 150 -17.46 -4.87 -2.80
C GLU B 150 -17.62 -4.16 -4.15
N GLY B 151 -16.52 -3.88 -4.85
CA GLY B 151 -16.58 -3.36 -6.21
C GLY B 151 -16.73 -1.85 -6.26
N GLU B 152 -17.33 -1.35 -7.34
CA GLU B 152 -17.44 0.09 -7.54
C GLU B 152 -18.45 0.67 -6.55
N CYS B 153 -18.04 1.71 -5.81
CA CYS B 153 -18.91 2.26 -4.77
C CYS B 153 -18.84 3.78 -4.76
N VAL B 154 -19.76 4.37 -4.01
CA VAL B 154 -19.68 5.77 -3.57
C VAL B 154 -19.62 5.77 -2.06
N GLN B 155 -18.75 6.59 -1.49
CA GLN B 155 -18.65 6.67 -0.04
C GLN B 155 -18.43 8.11 0.40
N MET B 156 -18.68 8.34 1.68
CA MET B 156 -18.53 9.67 2.26
C MET B 156 -18.37 9.50 3.76
N MET B 157 -17.59 10.39 4.36
CA MET B 157 -17.47 10.42 5.81
C MET B 157 -18.68 11.13 6.38
N HIS B 158 -19.41 10.46 7.28
CA HIS B 158 -20.48 11.08 8.02
C HIS B 158 -19.95 11.49 9.38
N VAL B 159 -19.93 12.80 9.65
CA VAL B 159 -19.54 13.33 10.95
C VAL B 159 -20.80 13.75 11.68
N GLY B 160 -21.03 13.18 12.86
CA GLY B 160 -22.17 13.54 13.66
C GLY B 160 -23.08 12.37 13.95
N PRO B 161 -24.25 12.65 14.51
CA PRO B 161 -25.13 11.58 14.98
C PRO B 161 -25.72 10.77 13.83
N PHE B 162 -26.06 9.52 14.13
CA PHE B 162 -26.72 8.68 13.13
C PHE B 162 -28.02 9.30 12.64
N SER B 163 -28.71 10.05 13.51
CA SER B 163 -29.98 10.67 13.14
C SER B 163 -29.83 11.71 12.04
N GLU B 164 -28.61 12.17 11.77
CA GLU B 164 -28.37 13.11 10.68
C GLU B 164 -27.76 12.45 9.45
N ALA B 165 -27.55 11.13 9.48
CA ALA B 165 -26.99 10.44 8.33
C ALA B 165 -27.82 10.63 7.06
N VAL B 166 -29.11 10.93 7.20
CA VAL B 166 -29.95 11.18 6.03
C VAL B 166 -29.36 12.27 5.14
N HIS B 167 -28.70 13.26 5.74
CA HIS B 167 -28.05 14.30 4.95
C HIS B 167 -26.92 13.74 4.11
N THR B 168 -26.08 12.89 4.73
CA THR B 168 -24.97 12.31 4.00
C THR B 168 -25.45 11.38 2.90
N VAL B 169 -26.44 10.54 3.19
CA VAL B 169 -27.00 9.65 2.18
C VAL B 169 -27.58 10.46 1.03
N ALA B 170 -28.28 11.55 1.33
CA ALA B 170 -28.86 12.36 0.27
C ALA B 170 -27.78 12.99 -0.59
N GLU B 171 -26.69 13.45 0.03
CA GLU B 171 -25.59 14.01 -0.74
C GLU B 171 -24.96 12.95 -1.64
N MET B 172 -24.80 11.72 -1.13
CA MET B 172 -24.26 10.64 -1.94
C MET B 172 -25.18 10.33 -3.13
N HIS B 173 -26.49 10.35 -2.91
CA HIS B 173 -27.41 10.13 -4.02
C HIS B 173 -27.35 11.25 -5.05
N GLN B 174 -27.19 12.50 -4.61
CA GLN B 174 -27.04 13.58 -5.58
C GLN B 174 -25.79 13.37 -6.41
N PHE B 175 -24.70 12.97 -5.77
CA PHE B 175 -23.46 12.67 -6.48
C PHE B 175 -23.68 11.56 -7.51
N MET B 176 -24.39 10.50 -7.12
CA MET B 176 -24.68 9.42 -8.06
C MET B 176 -25.42 9.94 -9.30
N GLU B 177 -26.44 10.76 -9.09
CA GLU B 177 -27.18 11.34 -10.21
C GLU B 177 -26.25 12.13 -11.12
N THR B 178 -25.44 13.01 -10.54
CA THR B 178 -24.51 13.81 -11.33
C THR B 178 -23.54 12.94 -12.13
N GLU B 179 -23.09 11.83 -11.54
CA GLU B 179 -22.10 10.97 -12.16
C GLU B 179 -22.72 9.89 -13.05
N GLY B 180 -24.04 9.82 -13.12
CA GLY B 180 -24.73 8.80 -13.90
C GLY B 180 -24.72 7.42 -13.28
N LEU B 181 -24.61 7.32 -11.96
CA LEU B 181 -24.57 6.06 -11.25
C LEU B 181 -25.94 5.75 -10.62
N ARG B 182 -26.21 4.45 -10.44
CA ARG B 182 -27.32 3.98 -9.64
C ARG B 182 -26.79 3.17 -8.47
N ASN B 183 -27.62 3.02 -7.45
CA ASN B 183 -27.46 1.88 -6.55
C ASN B 183 -27.43 0.60 -7.38
N ASP B 184 -26.51 -0.30 -7.03
CA ASP B 184 -26.17 -1.47 -7.84
C ASP B 184 -27.38 -2.15 -8.46
N THR B 185 -28.31 -2.64 -7.64
CA THR B 185 -29.47 -3.36 -8.12
C THR B 185 -30.72 -2.46 -8.21
N GLY B 186 -30.51 -1.15 -8.36
CA GLY B 186 -31.61 -0.23 -8.53
C GLY B 186 -32.16 0.37 -7.24
N ALA B 187 -31.82 -0.19 -6.09
CA ALA B 187 -32.23 0.35 -4.80
C ALA B 187 -31.12 0.05 -3.80
N ILE B 188 -31.27 0.60 -2.59
CA ILE B 188 -30.30 0.35 -1.53
C ILE B 188 -30.58 -1.05 -0.98
N ARG B 189 -29.79 -2.02 -1.41
CA ARG B 189 -29.91 -3.39 -0.91
C ARG B 189 -29.36 -3.49 0.51
N LYS B 190 -28.34 -2.70 0.81
CA LYS B 190 -27.74 -2.66 2.14
C LYS B 190 -26.93 -1.39 2.26
N HIS B 191 -26.92 -0.84 3.47
CA HIS B 191 -25.93 0.15 3.84
C HIS B 191 -24.68 -0.56 4.35
N HIS B 192 -23.54 0.11 4.22
CA HIS B 192 -22.28 -0.39 4.75
C HIS B 192 -21.68 0.74 5.56
N LEU B 193 -21.52 0.50 6.86
CA LEU B 193 -20.95 1.47 7.79
C LEU B 193 -19.59 0.98 8.25
N ILE B 194 -18.63 1.89 8.34
CA ILE B 194 -17.35 1.61 8.98
C ILE B 194 -17.24 2.55 10.17
N TYR B 195 -17.19 1.97 11.36
CA TYR B 195 -17.24 2.75 12.58
C TYR B 195 -15.81 3.13 12.93
N LEU B 196 -15.45 4.38 12.67
CA LEU B 196 -14.12 4.83 13.06
C LEU B 196 -14.04 5.19 14.53
N SER B 197 -15.19 5.44 15.15
CA SER B 197 -15.31 5.68 16.58
C SER B 197 -15.99 4.46 17.19
N ASP B 198 -15.71 4.17 18.45
CA ASP B 198 -16.54 3.19 19.15
C ASP B 198 -17.79 3.97 19.51
N PRO B 199 -18.94 3.69 18.89
CA PRO B 199 -20.12 4.51 19.16
C PRO B 199 -20.50 4.54 20.62
N ARG B 200 -20.12 3.53 21.40
CA ARG B 200 -20.37 3.56 22.84
C ARG B 200 -19.51 4.57 23.56
N LYS B 201 -18.38 4.96 22.98
CA LYS B 201 -17.42 5.83 23.63
C LYS B 201 -17.44 7.24 23.06
N ALA B 202 -18.26 7.48 22.04
CA ALA B 202 -18.25 8.74 21.32
C ALA B 202 -19.36 9.67 21.78
N ASN B 203 -19.05 10.96 21.77
CA ASN B 203 -20.05 12.00 21.77
C ASN B 203 -20.74 11.92 20.41
N PRO B 204 -22.06 11.75 20.34
CA PRO B 204 -22.70 11.62 19.01
C PRO B 204 -22.35 12.74 18.04
N GLU B 205 -22.20 13.96 18.54
CA GLU B 205 -21.87 15.09 17.68
C GLU B 205 -20.48 14.99 17.05
N LYS B 206 -19.59 14.21 17.65
CA LYS B 206 -18.21 14.13 17.20
C LYS B 206 -17.88 12.78 16.58
N MET B 207 -18.88 11.92 16.42
CA MET B 207 -18.69 10.60 15.85
C MET B 207 -18.35 10.68 14.37
N LYS B 208 -17.50 9.75 13.91
CA LYS B 208 -17.13 9.62 12.50
C LYS B 208 -17.43 8.22 12.01
N THR B 209 -18.21 8.12 10.94
CA THR B 209 -18.62 6.84 10.37
C THR B 209 -18.54 6.96 8.87
N ILE B 210 -17.87 6.02 8.20
CA ILE B 210 -17.93 5.95 6.75
C ILE B 210 -19.24 5.29 6.34
N LEU B 211 -19.94 5.91 5.39
CA LEU B 211 -21.08 5.30 4.72
C LEU B 211 -20.70 5.00 3.28
N ARG B 212 -21.01 3.79 2.81
CA ARG B 212 -20.58 3.33 1.50
C ARG B 212 -21.72 2.60 0.80
N LEU B 213 -21.94 2.90 -0.49
CA LEU B 213 -22.97 2.27 -1.32
C LEU B 213 -22.38 1.74 -2.61
N PRO B 214 -22.65 0.49 -3.00
CA PRO B 214 -22.18 -0.01 -4.30
C PRO B 214 -23.03 0.58 -5.41
N VAL B 215 -22.39 0.84 -6.55
CA VAL B 215 -23.06 1.47 -7.66
C VAL B 215 -22.78 0.72 -8.95
N SER B 216 -23.64 0.95 -9.94
CA SER B 216 -23.47 0.39 -11.26
C SER B 216 -23.97 1.43 -12.28
S DMS C . 10.04 5.15 -5.44
O DMS C . 11.41 5.58 -5.83
C1 DMS C . 9.46 6.19 -4.07
C2 DMS C . 8.95 5.77 -6.75
C10 7YU D . 27.24 2.49 4.62
C13 7YU D . 25.25 4.26 3.87
C15 7YU D . 20.23 7.36 1.53
C17 7YU D . 14.11 8.10 1.62
C20 7YU D . 19.02 6.49 1.81
C21 7YU D . 19.40 5.42 2.76
C22 7YU D . 18.69 4.90 3.75
C24 7YU D . 16.59 6.09 2.95
C26 7YU D . 9.32 10.53 -3.02
C28 7YU D . 13.61 8.54 -2.02
C1 7YU D . 19.14 7.24 0.55
C2 7YU D . 28.15 0.61 5.78
C3 7YU D . 7.36 10.84 -6.68
S1 7YU D . 8.76 10.20 -5.68
O1 7YU D . 7.42 11.54 -3.87
C4 7YU D . 8.34 10.88 -4.07
C5 7YU D . 8.76 10.83 1.78
O2 7YU D . 12.11 10.39 2.17
O3 7YU D . 28.86 4.19 4.30
O4 7YU D . 28.39 1.76 5.00
O5 7YU D . 20.99 3.52 3.82
N1 7YU D . 23.50 2.80 4.13
C6 7YU D . 23.06 4.04 3.70
C7 7YU D . 24.03 4.76 3.57
C8 7YU D . 26.54 4.73 3.86
C9 7YU D . 27.52 3.83 4.26
C11 7YU D . 25.95 1.99 4.63
C12 7YU D . 24.98 2.90 4.28
C14 7YU D . 21.43 6.69 2.13
C16 7YU D . 21.59 4.33 3.45
O6 7YU D . 13.37 8.22 2.50
O7 7YU D . 16.39 4.41 4.67
N2 7YU D . 20.90 5.41 2.81
N3 7YU D . 15.34 6.61 2.78
C18 7YU D . 15.39 7.41 1.90
C19 7YU D . 16.43 7.65 1.34
C23 7YU D . 17.20 5.10 3.82
C25 7YU D . 17.52 6.86 1.90
N4 7YU D . 9.20 10.93 -1.73
C27 7YU D . 10.43 9.86 -3.10
C29 7YU D . 14.59 8.51 -0.89
N5 7YU D . 13.82 8.61 0.28
O8 7YU D . 9.80 11.49 1.14
C30 7YU D . 12.36 9.15 -1.32
C31 7YU D . 12.62 9.29 -0.06
C32 7YU D . 11.77 10.17 0.85
C33 7YU D . 10.58 10.61 0.38
C34 7YU D . 10.31 10.45 -0.96
C35 7YU D . 11.14 9.74 -1.93
S DMS E . -24.87 -3.09 12.51
O DMS E . -23.48 -2.65 12.11
C1 DMS E . -25.33 -2.18 14.01
C2 DMS E . -26.04 -2.32 11.37
C10 7YU F . -9.77 -7.74 23.15
C13 7YU F . -11.65 -5.75 22.59
C15 7YU F . -16.08 -2.79 20.35
C17 7YU F . -21.94 -1.09 19.91
C20 7YU F . -17.42 -3.46 20.57
C21 7YU F . -17.31 -4.58 21.49
C22 7YU F . -18.18 -5.09 22.32
C24 7YU F . -19.96 -3.56 21.36
C26 7YU F . -25.81 2.31 15.17
C28 7YU F . -22.08 -0.39 16.37
C1 7YU F . -17.03 -2.89 19.25
C2 7YU F . -9.09 -10.06 23.42
C3 7YU F . -27.44 2.95 11.46
S1 7YU F . -26.23 2.13 12.51
O1 7YU F . -27.47 3.66 14.21
C4 7YU F . -26.64 2.86 14.08
C5 7YU F . -25.48 4.13 19.45
O2 7YU F . -23.78 1.34 20.53
O3 7YU F . -8.06 -6.16 23.22
O4 7YU F . -8.77 -8.68 23.40
O5 7YU F . -16.00 -6.81 22.48
N1 7YU F . -13.38 -7.24 22.57
C6 7YU F . -13.86 -6.06 22.30
C7 7YU F . -12.90 -5.22 22.35
C8 7YU F . -10.31 -5.37 22.77
C9 7YU F . -9.38 -6.42 23.02
C11 7YU F . -11.09 -8.09 23.00
C12 7YU F . -11.94 -7.11 22.74
C14 7YU F . -15.09 -3.57 21.15
C16 7YU F . -15.35 -5.96 22.11
O6 7YU F . -22.76 -0.97 20.72
O7 7YU F . -20.61 -5.23 22.96
N2 7YU F . -15.88 -4.77 21.65
N3 7YU F . -21.08 -2.84 21.04
C18 7YU F . -20.82 -1.97 20.28
C19 7YU F . -19.68 -1.86 19.88
C23 7YU F . -19.62 -4.69 22.22
C25 7YU F . -18.83 -2.89 20.49
N4 7YU F . -26.07 2.58 16.45
C27 7YU F . -24.76 1.57 15.14
C29 7YU F . -21.13 -0.49 17.54
N5 7YU F . -21.99 -0.36 18.68
O8 7YU F . -25.82 2.76 19.41
C30 7YU F . -23.14 0.54 17.01
C31 7YU F . -23.05 0.48 18.29
C32 7YU F . -23.98 1.25 19.20
C33 7YU F . -24.99 1.97 18.64
C34 7YU F . -25.11 1.96 17.30
C35 7YU F . -24.23 1.27 16.34
#